data_4M4Z
#
_entry.id   4M4Z
#
_cell.length_a   38.460
_cell.length_b   42.430
_cell.length_c   46.100
_cell.angle_alpha   90.000
_cell.angle_beta   94.630
_cell.angle_gamma   90.000
#
_symmetry.space_group_name_H-M   'P 1 21 1'
#
loop_
_entity.id
_entity.type
_entity.pdbx_description
1 polymer 'Src-like-adapter 2'
2 water water
#
_entity_poly.entity_id   1
_entity_poly.type   'polypeptide(L)'
_entity_poly.pdbx_seq_one_letter_code
;GAMGSEAERSKATAVALGSFPAGGPAELSLRLGEPLTIVSEDGDWWTVLSEVSGREYNIPSVHVAKVSHGWLYEGLSREK
AEELLLLPGNPGGAFLIRESQTRRGSYSLSVRLSRPASWDRIRHYRIHCLDNGWLYISPRLTFPSLQALVDHYSELADDI
CCLLKEPCVL
;
_entity_poly.pdbx_strand_id   A
#
# COMPACT_ATOMS: atom_id res chain seq x y z
N THR A 13 -9.85 4.61 -5.79
CA THR A 13 -9.64 5.58 -4.71
C THR A 13 -9.60 4.88 -3.36
N ALA A 14 -10.12 3.66 -3.32
CA ALA A 14 -10.19 2.88 -2.07
C ALA A 14 -10.23 1.38 -2.31
N VAL A 15 -9.85 0.61 -1.29
CA VAL A 15 -9.79 -0.85 -1.39
C VAL A 15 -10.33 -1.51 -0.12
N ALA A 16 -11.11 -2.57 -0.30
CA ALA A 16 -11.59 -3.36 0.84
C ALA A 16 -10.43 -4.19 1.40
N LEU A 17 -10.41 -4.37 2.72
CA LEU A 17 -9.28 -5.04 3.37
C LEU A 17 -9.59 -6.44 3.85
N GLY A 18 -10.86 -6.77 4.00
CA GLY A 18 -11.22 -8.07 4.53
C GLY A 18 -12.59 -8.56 4.13
N SER A 19 -12.95 -9.75 4.63
CA SER A 19 -14.28 -10.29 4.40
C SER A 19 -15.33 -9.41 5.09
N PHE A 20 -16.37 -9.02 4.36
CA PHE A 20 -17.47 -8.27 4.95
C PHE A 20 -18.80 -8.46 4.22
N PRO A 21 -19.85 -8.81 4.98
CA PRO A 21 -19.75 -9.03 6.42
C PRO A 21 -19.60 -10.52 6.75
N LEU A 28 -21.02 -13.08 -2.42
CA LEU A 28 -22.01 -12.10 -1.99
C LEU A 28 -21.39 -10.99 -1.14
N SER A 29 -20.14 -11.17 -0.74
CA SER A 29 -19.49 -10.25 0.19
C SER A 29 -18.19 -9.67 -0.35
N LEU A 30 -17.76 -8.57 0.25
CA LEU A 30 -16.50 -7.94 -0.09
C LEU A 30 -15.33 -8.83 0.30
N ARG A 31 -14.20 -8.62 -0.33
CA ARG A 31 -12.98 -9.35 0.03
C ARG A 31 -11.77 -8.46 -0.17
N LEU A 32 -10.62 -8.91 0.33
CA LEU A 32 -9.39 -8.15 0.26
C LEU A 32 -8.99 -7.83 -1.18
N GLY A 33 -8.64 -6.57 -1.42
CA GLY A 33 -8.18 -6.16 -2.74
C GLY A 33 -9.27 -5.61 -3.63
N GLU A 34 -10.51 -5.76 -3.21
CA GLU A 34 -11.64 -5.30 -4.01
C GLU A 34 -11.70 -3.77 -4.06
N PRO A 35 -11.58 -3.21 -5.28
CA PRO A 35 -11.56 -1.76 -5.49
C PRO A 35 -12.90 -1.12 -5.13
N LEU A 36 -12.84 0.03 -4.46
CA LEU A 36 -14.06 0.67 -3.96
C LEU A 36 -14.20 2.11 -4.41
N THR A 37 -15.44 2.58 -4.40
CA THR A 37 -15.73 4.00 -4.51
C THR A 37 -16.37 4.43 -3.21
N ILE A 38 -15.86 5.49 -2.60
CA ILE A 38 -16.40 5.95 -1.34
C ILE A 38 -17.60 6.89 -1.56
N VAL A 39 -18.72 6.56 -0.95
CA VAL A 39 -19.94 7.36 -1.10
C VAL A 39 -20.13 8.33 0.06
N SER A 40 -19.95 7.85 1.29
CA SER A 40 -20.04 8.71 2.46
C SER A 40 -19.06 8.28 3.55
N GLU A 41 -18.51 9.26 4.25
CA GLU A 41 -17.65 8.99 5.40
C GLU A 41 -18.28 9.54 6.67
N ASP A 42 -19.23 8.82 7.23
CA ASP A 42 -19.89 9.27 8.44
C ASP A 42 -19.24 8.64 9.68
N GLY A 43 -18.14 9.23 10.11
CA GLY A 43 -17.43 8.74 11.28
C GLY A 43 -16.62 7.50 11.00
N ASP A 44 -16.73 6.51 11.89
CA ASP A 44 -15.98 5.26 11.72
C ASP A 44 -16.78 4.22 10.94
N TRP A 45 -17.85 4.67 10.28
CA TRP A 45 -18.59 3.84 9.35
C TRP A 45 -18.70 4.55 8.01
N TRP A 46 -18.22 3.90 6.95
CA TRP A 46 -18.24 4.48 5.63
C TRP A 46 -19.27 3.77 4.76
N THR A 47 -19.76 4.48 3.73
CA THR A 47 -20.63 3.89 2.74
C THR A 47 -19.89 3.78 1.42
N VAL A 48 -19.75 2.57 0.91
CA VAL A 48 -18.94 2.34 -0.27
C VAL A 48 -19.67 1.54 -1.35
N LEU A 49 -19.17 1.64 -2.57
CA LEU A 49 -19.65 0.84 -3.68
C LEU A 49 -18.53 0.01 -4.27
N SER A 50 -18.80 -1.27 -4.49
CA SER A 50 -17.84 -2.14 -5.16
C SER A 50 -17.86 -1.83 -6.65
N GLU A 51 -16.67 -1.78 -7.26
CA GLU A 51 -16.57 -1.43 -8.66
C GLU A 51 -16.55 -2.67 -9.56
N VAL A 52 -16.86 -3.82 -8.98
CA VAL A 52 -16.99 -5.05 -9.76
C VAL A 52 -18.43 -5.57 -9.71
N SER A 53 -19.10 -5.36 -8.59
CA SER A 53 -20.46 -5.88 -8.41
C SER A 53 -21.48 -4.76 -8.38
N GLY A 54 -21.03 -3.55 -8.07
CA GLY A 54 -21.92 -2.42 -7.98
C GLY A 54 -22.70 -2.38 -6.69
N ARG A 55 -22.67 -3.48 -5.94
CA ARG A 55 -23.38 -3.56 -4.67
C ARG A 55 -22.92 -2.51 -3.68
N GLU A 56 -23.85 -2.09 -2.81
CA GLU A 56 -23.58 -1.04 -1.85
C GLU A 56 -23.27 -1.65 -0.48
N TYR A 57 -22.27 -1.11 0.21
CA TYR A 57 -21.87 -1.64 1.50
C TYR A 57 -21.73 -0.55 2.56
N ASN A 58 -22.22 -0.84 3.76
CA ASN A 58 -21.99 0.00 4.92
C ASN A 58 -20.97 -0.67 5.82
N ILE A 59 -19.75 -0.15 5.80
CA ILE A 59 -18.60 -0.87 6.31
C ILE A 59 -17.83 0.00 7.31
N PRO A 60 -17.21 -0.63 8.33
CA PRO A 60 -16.34 0.14 9.22
C PRO A 60 -15.18 0.73 8.43
N SER A 61 -14.75 1.94 8.78
CA SER A 61 -13.65 2.60 8.08
C SER A 61 -12.37 1.79 8.19
N VAL A 62 -12.23 1.05 9.29
CA VAL A 62 -11.04 0.25 9.54
C VAL A 62 -10.92 -0.92 8.57
N HIS A 63 -11.98 -1.23 7.84
CA HIS A 63 -11.95 -2.31 6.85
C HIS A 63 -11.69 -1.81 5.44
N VAL A 64 -11.37 -0.52 5.31
CA VAL A 64 -11.14 0.10 4.01
C VAL A 64 -9.83 0.88 4.00
N ALA A 65 -9.09 0.80 2.88
CA ALA A 65 -7.88 1.59 2.72
C ALA A 65 -8.01 2.55 1.54
N LYS A 66 -7.70 3.82 1.78
CA LYS A 66 -7.70 4.82 0.72
C LYS A 66 -6.43 4.73 -0.12
N VAL A 67 -6.57 4.92 -1.43
CA VAL A 67 -5.43 4.82 -2.34
C VAL A 67 -5.30 6.07 -3.20
N SER A 68 -4.06 6.56 -3.33
CA SER A 68 -3.76 7.67 -4.24
C SER A 68 -2.47 7.38 -4.98
N HIS A 69 -2.27 8.06 -6.12
CA HIS A 69 -1.07 7.88 -6.96
C HIS A 69 -0.88 6.45 -7.47
N GLY A 70 -1.90 5.61 -7.31
CA GLY A 70 -1.84 4.23 -7.76
C GLY A 70 -1.10 3.29 -6.81
N TRP A 71 -0.40 3.84 -5.83
CA TRP A 71 0.40 3.00 -4.94
C TRP A 71 0.52 3.52 -3.51
N LEU A 72 -0.11 4.65 -3.23
CA LEU A 72 -0.05 5.25 -1.89
C LEU A 72 -1.31 4.92 -1.08
N TYR A 73 -1.13 4.18 0.01
CA TYR A 73 -2.24 3.68 0.81
C TYR A 73 -2.37 4.34 2.18
N GLU A 74 -3.60 4.61 2.58
CA GLU A 74 -3.89 5.09 3.93
C GLU A 74 -4.67 4.04 4.71
N GLY A 75 -4.35 3.89 6.00
CA GLY A 75 -5.06 2.97 6.86
C GLY A 75 -4.77 1.51 6.51
N LEU A 76 -3.58 1.27 5.99
CA LEU A 76 -3.17 -0.07 5.59
C LEU A 76 -2.05 -0.56 6.49
N SER A 77 -2.32 -1.58 7.29
CA SER A 77 -1.32 -2.10 8.22
C SER A 77 -0.20 -2.83 7.49
N ARG A 78 0.88 -3.09 8.21
CA ARG A 78 2.00 -3.86 7.71
C ARG A 78 1.52 -5.25 7.26
N GLU A 79 0.67 -5.84 8.08
CA GLU A 79 0.15 -7.18 7.85
C GLU A 79 -0.78 -7.23 6.62
N LYS A 80 -1.65 -6.24 6.51
CA LYS A 80 -2.60 -6.19 5.40
C LYS A 80 -1.88 -5.86 4.08
N ALA A 81 -0.77 -5.15 4.19
CA ALA A 81 0.05 -4.83 3.03
C ALA A 81 0.66 -6.11 2.48
N GLU A 82 1.13 -6.98 3.36
CA GLU A 82 1.66 -8.27 2.95
C GLU A 82 0.56 -9.09 2.29
N GLU A 83 -0.63 -9.09 2.90
CA GLU A 83 -1.77 -9.80 2.33
C GLU A 83 -2.12 -9.33 0.92
N LEU A 84 -2.11 -8.01 0.72
CA LEU A 84 -2.42 -7.43 -0.59
C LEU A 84 -1.38 -7.83 -1.63
N LEU A 85 -0.11 -7.64 -1.27
CA LEU A 85 1.00 -7.91 -2.16
C LEU A 85 1.10 -9.40 -2.50
N LEU A 86 0.60 -10.25 -1.61
CA LEU A 86 0.72 -11.69 -1.79
C LEU A 86 -0.46 -12.29 -2.55
N LEU A 87 -1.42 -11.45 -2.91
CA LEU A 87 -2.50 -11.90 -3.79
C LEU A 87 -1.92 -12.31 -5.13
N PRO A 88 -2.50 -13.33 -5.78
CA PRO A 88 -2.02 -13.82 -7.07
C PRO A 88 -2.02 -12.70 -8.12
N GLY A 89 -1.04 -12.73 -9.01
CA GLY A 89 -0.97 -11.72 -10.06
C GLY A 89 0.06 -10.64 -9.77
N ASN A 90 0.57 -10.61 -8.54
CA ASN A 90 1.64 -9.69 -8.18
C ASN A 90 3.00 -10.34 -8.39
N PRO A 91 3.74 -9.89 -9.39
CA PRO A 91 5.10 -10.43 -9.62
C PRO A 91 6.07 -9.94 -8.56
N GLY A 92 7.29 -10.47 -8.59
CA GLY A 92 8.36 -9.95 -7.76
C GLY A 92 8.63 -8.52 -8.15
N GLY A 93 8.75 -7.64 -7.16
CA GLY A 93 8.96 -6.23 -7.42
C GLY A 93 7.69 -5.43 -7.26
N ALA A 94 6.55 -6.13 -7.18
CA ALA A 94 5.28 -5.47 -6.87
C ALA A 94 5.44 -4.73 -5.56
N PHE A 95 4.94 -3.50 -5.50
CA PHE A 95 5.20 -2.65 -4.35
C PHE A 95 4.02 -1.75 -3.99
N LEU A 96 4.07 -1.21 -2.79
CA LEU A 96 3.18 -0.12 -2.40
C LEU A 96 3.89 0.74 -1.37
N ILE A 97 3.36 1.92 -1.13
CA ILE A 97 3.79 2.76 -0.03
C ILE A 97 2.61 3.01 0.89
N ARG A 98 2.83 2.85 2.18
CA ARG A 98 1.76 2.96 3.17
C ARG A 98 2.13 3.92 4.28
N GLU A 99 1.21 4.81 4.63
CA GLU A 99 1.46 5.72 5.73
C GLU A 99 1.48 4.93 7.04
N SER A 100 2.35 5.35 7.95
CA SER A 100 2.42 4.71 9.27
C SER A 100 1.13 4.96 10.02
N GLN A 101 0.66 3.94 10.73
CA GLN A 101 -0.53 4.06 11.55
C GLN A 101 -0.20 4.66 12.91
N THR A 102 1.09 4.78 13.20
CA THR A 102 1.54 5.36 14.45
C THR A 102 2.00 6.80 14.28
N ARG A 103 2.69 7.08 13.18
CA ARG A 103 3.25 8.41 12.93
C ARG A 103 2.46 9.20 11.90
N ARG A 104 2.95 10.40 11.59
CA ARG A 104 2.24 11.30 10.67
C ARG A 104 2.74 11.13 9.24
N GLY A 105 3.47 12.13 8.74
CA GLY A 105 4.02 12.07 7.39
C GLY A 105 5.16 11.07 7.27
N SER A 106 4.96 9.92 7.88
CA SER A 106 5.95 8.85 7.88
C SER A 106 5.38 7.66 7.13
N TYR A 107 6.20 7.04 6.29
CA TYR A 107 5.72 5.98 5.42
C TYR A 107 6.63 4.75 5.44
N SER A 108 6.14 3.66 4.87
CA SER A 108 6.93 2.46 4.65
C SER A 108 6.78 1.99 3.23
N LEU A 109 7.87 1.50 2.65
CA LEU A 109 7.82 0.86 1.35
C LEU A 109 7.75 -0.64 1.52
N SER A 110 6.76 -1.27 0.90
CA SER A 110 6.61 -2.71 0.96
C SER A 110 6.71 -3.28 -0.44
N VAL A 111 7.65 -4.20 -0.63
CA VAL A 111 7.91 -4.73 -1.96
C VAL A 111 7.97 -6.26 -1.93
N ARG A 112 7.33 -6.92 -2.90
CA ARG A 112 7.36 -8.37 -2.97
C ARG A 112 8.72 -8.87 -3.42
N LEU A 113 9.25 -9.84 -2.69
CA LEU A 113 10.55 -10.41 -3.01
C LEU A 113 10.45 -11.43 -4.13
N SER A 114 11.52 -11.55 -4.92
CA SER A 114 11.54 -12.45 -6.05
C SER A 114 12.00 -13.84 -5.65
N ARG A 115 11.19 -14.84 -5.97
CA ARG A 115 11.45 -16.23 -5.58
C ARG A 115 11.89 -16.35 -4.13
N PRO A 116 11.03 -15.94 -3.18
CA PRO A 116 11.44 -15.95 -1.78
C PRO A 116 11.10 -17.29 -1.14
N ALA A 117 11.63 -17.51 0.06
CA ALA A 117 11.16 -18.63 0.86
C ALA A 117 9.82 -18.21 1.45
N SER A 118 9.06 -19.18 1.94
CA SER A 118 7.70 -18.92 2.40
C SER A 118 7.65 -18.04 3.65
N TRP A 119 8.76 -17.95 4.37
N TRP A 119 8.77 -17.95 4.35
CA TRP A 119 8.77 -17.24 5.65
CA TRP A 119 8.82 -17.27 5.64
C TRP A 119 9.23 -15.79 5.57
C TRP A 119 9.21 -15.80 5.56
N ASP A 120 9.55 -15.34 4.35
CA ASP A 120 9.91 -13.94 4.16
C ASP A 120 9.67 -13.56 2.70
N ARG A 121 8.42 -13.28 2.37
CA ARG A 121 8.04 -13.01 0.98
C ARG A 121 7.95 -11.51 0.71
N ILE A 122 7.87 -10.72 1.76
CA ILE A 122 7.74 -9.26 1.63
C ILE A 122 8.83 -8.53 2.40
N ARG A 123 9.42 -7.51 1.77
CA ARG A 123 10.42 -6.69 2.44
C ARG A 123 9.89 -5.28 2.68
N HIS A 124 10.01 -4.83 3.93
CA HIS A 124 9.54 -3.51 4.31
C HIS A 124 10.71 -2.58 4.61
N TYR A 125 10.68 -1.40 4.00
CA TYR A 125 11.68 -0.37 4.29
C TYR A 125 10.98 0.84 4.88
N ARG A 126 11.53 1.37 5.96
CA ARG A 126 11.04 2.62 6.51
C ARG A 126 11.46 3.75 5.59
N ILE A 127 10.52 4.63 5.27
CA ILE A 127 10.85 5.85 4.57
C ILE A 127 10.97 6.98 5.59
N HIS A 128 12.22 7.38 5.86
CA HIS A 128 12.48 8.40 6.86
C HIS A 128 12.17 9.79 6.32
N CYS A 129 11.39 10.55 7.08
CA CYS A 129 11.18 11.95 6.80
C CYS A 129 11.85 12.77 7.89
N LEU A 130 12.89 13.52 7.53
CA LEU A 130 13.54 14.41 8.48
C LEU A 130 12.56 15.50 8.90
N ASP A 131 12.99 16.37 9.82
CA ASP A 131 12.13 17.47 10.21
C ASP A 131 12.07 18.52 9.10
N ASN A 132 12.87 18.33 8.05
CA ASN A 132 12.91 19.29 6.94
C ASN A 132 11.99 18.95 5.77
N GLY A 133 11.34 17.79 5.84
CA GLY A 133 10.32 17.44 4.86
C GLY A 133 10.81 16.60 3.70
N TRP A 134 12.11 16.31 3.67
CA TRP A 134 12.66 15.46 2.62
C TRP A 134 12.59 13.99 3.03
N LEU A 135 12.42 13.11 2.04
CA LEU A 135 12.18 11.70 2.29
C LEU A 135 13.34 10.86 1.81
N TYR A 136 13.60 9.74 2.49
CA TYR A 136 14.64 8.82 2.06
C TYR A 136 14.54 7.44 2.71
N ILE A 137 15.07 6.44 2.01
CA ILE A 137 15.28 5.12 2.59
C ILE A 137 16.75 5.02 2.98
N SER A 138 17.61 5.52 2.11
CA SER A 138 19.04 5.63 2.39
C SER A 138 19.41 7.11 2.47
N PRO A 139 19.93 7.54 3.63
CA PRO A 139 20.27 8.95 3.90
C PRO A 139 21.13 9.61 2.82
N ARG A 140 21.81 8.79 2.01
CA ARG A 140 22.63 9.32 0.92
C ARG A 140 21.77 9.77 -0.26
N LEU A 141 20.57 9.21 -0.37
CA LEU A 141 19.66 9.53 -1.46
C LEU A 141 18.35 10.07 -0.92
N THR A 142 18.20 11.39 -0.94
CA THR A 142 17.00 12.01 -0.41
C THR A 142 16.09 12.52 -1.52
N PHE A 143 14.80 12.63 -1.22
CA PHE A 143 13.81 13.02 -2.22
C PHE A 143 12.82 14.05 -1.69
N PRO A 144 12.33 14.92 -2.58
CA PRO A 144 11.37 15.94 -2.21
C PRO A 144 9.95 15.41 -2.12
N SER A 145 9.72 14.22 -2.69
CA SER A 145 8.37 13.65 -2.70
C SER A 145 8.43 12.14 -2.86
N LEU A 146 7.32 11.48 -2.52
CA LEU A 146 7.19 10.04 -2.72
C LEU A 146 7.21 9.68 -4.19
N GLN A 147 6.62 10.54 -5.03
CA GLN A 147 6.65 10.34 -6.47
C GLN A 147 8.08 10.27 -6.98
N ALA A 148 8.92 11.20 -6.52
CA ALA A 148 10.32 11.23 -6.92
C ALA A 148 11.06 9.97 -6.46
N LEU A 149 10.72 9.52 -5.25
CA LEU A 149 11.34 8.33 -4.68
C LEU A 149 11.01 7.10 -5.53
N VAL A 150 9.72 6.91 -5.81
CA VAL A 150 9.26 5.76 -6.59
C VAL A 150 9.88 5.77 -7.98
N ASP A 151 9.92 6.96 -8.58
CA ASP A 151 10.59 7.19 -9.86
C ASP A 151 11.99 6.59 -9.80
N HIS A 152 12.78 7.06 -8.84
CA HIS A 152 14.16 6.62 -8.70
C HIS A 152 14.29 5.11 -8.54
N TYR A 153 13.59 4.55 -7.57
CA TYR A 153 13.73 3.13 -7.25
C TYR A 153 13.08 2.20 -8.27
N SER A 154 12.39 2.77 -9.25
CA SER A 154 11.88 1.98 -10.36
C SER A 154 12.97 1.75 -11.40
N GLU A 155 14.07 2.47 -11.28
CA GLU A 155 15.16 2.35 -12.24
C GLU A 155 16.50 1.99 -11.57
N LEU A 156 16.74 2.55 -10.39
CA LEU A 156 17.97 2.31 -9.66
C LEU A 156 17.63 1.88 -8.23
N ALA A 157 18.13 0.72 -7.83
CA ALA A 157 17.82 0.20 -6.50
C ALA A 157 18.94 -0.66 -5.92
N ASP A 158 20.17 -0.21 -6.06
CA ASP A 158 21.31 -0.98 -5.56
C ASP A 158 21.37 -1.01 -4.03
N ASP A 159 20.83 0.03 -3.40
CA ASP A 159 20.89 0.14 -1.95
C ASP A 159 19.80 -0.67 -1.26
N ILE A 160 18.87 -1.21 -2.04
CA ILE A 160 17.83 -2.08 -1.49
C ILE A 160 17.78 -3.41 -2.21
N CYS A 161 16.87 -4.27 -1.77
CA CYS A 161 16.76 -5.62 -2.31
C CYS A 161 16.25 -5.64 -3.74
N CYS A 162 15.31 -4.74 -4.03
CA CYS A 162 14.46 -4.92 -5.20
C CYS A 162 14.18 -3.64 -5.98
N LEU A 163 14.30 -3.73 -7.29
CA LEU A 163 13.79 -2.69 -8.17
C LEU A 163 12.28 -2.65 -8.02
N LEU A 164 11.73 -1.44 -7.94
CA LEU A 164 10.29 -1.30 -7.88
C LEU A 164 9.70 -1.56 -9.27
N LYS A 165 9.01 -2.68 -9.43
CA LYS A 165 8.46 -3.07 -10.73
C LYS A 165 7.11 -2.42 -11.00
N GLU A 166 6.07 -2.94 -10.37
CA GLU A 166 4.72 -2.46 -10.60
C GLU A 166 3.99 -2.22 -9.29
N PRO A 167 3.03 -1.29 -9.30
CA PRO A 167 2.18 -1.10 -8.12
C PRO A 167 1.41 -2.38 -7.79
N CYS A 168 1.15 -2.60 -6.51
CA CYS A 168 0.32 -3.71 -6.08
C CYS A 168 -0.99 -3.69 -6.85
N VAL A 169 -1.41 -4.86 -7.35
CA VAL A 169 -2.60 -4.97 -8.18
C VAL A 169 -3.81 -4.31 -7.53
N LEU A 170 -4.31 -3.26 -8.18
CA LEU A 170 -5.42 -2.44 -7.67
C LEU A 170 -5.07 -1.69 -6.38
#